data_5IW8
#
_entry.id   5IW8
#
_cell.length_a   67.164
_cell.length_b   87.883
_cell.length_c   100.781
_cell.angle_alpha   90.00
_cell.angle_beta   90.00
_cell.angle_gamma   90.00
#
_symmetry.space_group_name_H-M   'P 21 21 21'
#
loop_
_entity.id
_entity.type
_entity.pdbx_description
1 polymer 'O-phosphoserine sulfhydrylase'
2 non-polymer "5-{[([1,1'-biphenyl]-3-yl)carbamoyl]amino}-2-hydroxybenzoic acid"
3 non-polymer 'SODIUM ION'
4 non-polymer "PYRIDOXAL-5'-PHOSPHATE"
5 water water
#
_entity_poly.entity_id   1
_entity_poly.type   'polypeptide(L)'
_entity_poly.pdbx_seq_one_letter_code
;GSHMARYDSLLQALGNTPLVGLQRLSPRWDDGRDGPHVRLWAKLEDRNPTGSIKDRPAVRMIEQAEADGLLRPGATILEP
TSGNTGISLAMAARLKGYRLICVMPENTSVERRQLLELYGAQIIFSAAEGGSNTAVATAKELAATNPSWVMLYQYGNPAN
TDSHYCGTGPELLADLPEITHFVAGLGTTGTLMGTGRFLREHVANVKIVAAEPRYGEGVYALRNMDEGFVPELYDPEILT
ARYSVGAVDAVRRTRELVHTEGIFAGISTGAVLHAALGVGAGALAAGERADIALVVADAGWKYLSTGAYAGSLDDAETAL
EGQLWA
;
_entity_poly.pdbx_strand_id   A,B
#
# COMPACT_ATOMS: atom_id res chain seq x y z
N ARG A 6 10.47 -10.93 9.79
CA ARG A 6 10.35 -12.08 8.82
C ARG A 6 9.15 -12.93 9.06
N TYR A 7 8.41 -13.20 7.99
CA TYR A 7 7.18 -13.97 8.07
C TYR A 7 7.17 -15.08 7.05
N ASP A 8 6.79 -16.28 7.47
CA ASP A 8 6.53 -17.40 6.59
C ASP A 8 5.26 -17.18 5.79
N SER A 9 4.34 -16.38 6.29
CA SER A 9 3.06 -16.20 5.64
C SER A 9 2.66 -14.72 5.69
N LEU A 10 2.17 -14.22 4.58
CA LEU A 10 1.61 -12.89 4.48
C LEU A 10 0.55 -12.57 5.55
N LEU A 11 -0.20 -13.57 5.96
CA LEU A 11 -1.15 -13.41 7.04
C LEU A 11 -0.52 -12.86 8.30
N GLN A 12 0.73 -13.23 8.54
CA GLN A 12 1.44 -12.75 9.71
C GLN A 12 1.84 -11.25 9.57
N ALA A 13 1.77 -10.70 8.37
CA ALA A 13 2.11 -9.29 8.19
C ALA A 13 0.90 -8.38 8.34
N LEU A 14 -0.07 -8.80 9.13
CA LEU A 14 -1.31 -8.08 9.28
C LEU A 14 -1.16 -7.28 10.56
N GLY A 15 -1.83 -6.15 10.66
CA GLY A 15 -1.84 -5.39 11.89
C GLY A 15 -0.52 -4.72 12.15
N ASN A 16 -0.26 -4.36 13.41
CA ASN A 16 0.90 -3.55 13.79
C ASN A 16 1.09 -2.37 12.81
N THR A 17 0.02 -1.63 12.57
CA THR A 17 0.03 -0.52 11.66
C THR A 17 0.56 0.75 12.32
N PRO A 18 1.17 1.64 11.53
CA PRO A 18 1.66 2.91 12.07
C PRO A 18 0.53 3.80 12.58
N LEU A 19 0.87 4.59 13.59
CA LEU A 19 0.07 5.67 14.09
C LEU A 19 0.90 6.92 13.84
N VAL A 20 0.35 7.83 13.05
CA VAL A 20 1.12 8.93 12.50
C VAL A 20 0.52 10.27 12.91
N GLY A 21 1.37 11.17 13.42
CA GLY A 21 0.93 12.54 13.76
C GLY A 21 0.57 13.39 12.57
N LEU A 22 -0.52 14.15 12.70
CA LEU A 22 -0.96 15.03 11.64
C LEU A 22 -0.67 16.44 12.11
N GLN A 23 0.59 16.87 11.96
CA GLN A 23 1.04 18.09 12.60
C GLN A 23 0.43 19.33 11.98
N ARG A 24 0.16 19.28 10.68
CA ARG A 24 -0.36 20.44 9.98
C ARG A 24 -1.85 20.55 10.18
N LEU A 25 -2.52 19.41 10.20
CA LEU A 25 -3.95 19.38 10.19
C LEU A 25 -4.57 19.41 11.59
N SER A 26 -3.80 19.04 12.61
CA SER A 26 -4.29 19.09 13.99
C SER A 26 -4.68 20.53 14.36
N PRO A 27 -5.71 20.71 15.20
CA PRO A 27 -6.05 22.08 15.63
C PRO A 27 -4.90 22.81 16.30
N ARG A 28 -4.09 22.10 17.08
CA ARG A 28 -2.93 22.69 17.72
C ARG A 28 -1.93 21.62 18.14
N TRP A 29 -0.80 21.53 17.46
CA TRP A 29 0.12 20.41 17.67
C TRP A 29 0.89 20.51 18.99
N ASP A 30 1.34 21.73 19.32
CA ASP A 30 2.14 21.93 20.51
C ASP A 30 1.38 22.67 21.62
N ASP A 31 1.54 22.23 22.86
CA ASP A 31 1.10 23.02 24.01
C ASP A 31 1.58 24.47 23.81
N GLY A 32 0.63 25.40 23.83
CA GLY A 32 0.92 26.80 23.53
C GLY A 32 0.69 27.71 24.71
N ARG A 33 0.91 29.00 24.47
CA ARG A 33 0.44 30.08 25.36
C ARG A 33 -1.06 30.19 25.30
N ASP A 34 -1.68 29.74 24.20
CA ASP A 34 -3.17 29.77 24.06
C ASP A 34 -3.87 28.58 24.69
N GLY A 35 -3.10 27.66 25.27
CA GLY A 35 -3.66 26.46 25.86
C GLY A 35 -2.96 25.21 25.35
N PRO A 36 -3.46 24.03 25.77
CA PRO A 36 -2.72 22.84 25.49
C PRO A 36 -3.07 22.27 24.12
N HIS A 37 -2.24 21.34 23.68
CA HIS A 37 -2.31 20.81 22.32
C HIS A 37 -3.61 20.07 22.09
N VAL A 38 -4.08 20.11 20.85
CA VAL A 38 -5.16 19.29 20.38
C VAL A 38 -4.59 18.54 19.18
N ARG A 39 -4.24 17.26 19.37
CA ARG A 39 -3.56 16.51 18.33
C ARG A 39 -4.43 15.49 17.62
N LEU A 40 -4.21 15.39 16.32
CA LEU A 40 -4.75 14.32 15.50
C LEU A 40 -3.66 13.31 15.10
N TRP A 41 -4.00 12.03 15.26
CA TRP A 41 -3.14 10.89 14.96
C TRP A 41 -3.90 9.93 14.06
N ALA A 42 -3.28 9.59 12.95
CA ALA A 42 -3.88 8.73 11.95
C ALA A 42 -3.30 7.33 12.00
N LYS A 43 -4.20 6.37 12.21
CA LYS A 43 -3.91 4.93 12.22
C LYS A 43 -4.05 4.37 10.81
N LEU A 44 -2.92 3.99 10.22
CA LEU A 44 -2.84 3.69 8.82
C LEU A 44 -3.16 2.23 8.49
N GLU A 45 -4.46 1.91 8.48
CA GLU A 45 -4.92 0.55 8.21
C GLU A 45 -4.84 0.14 6.75
N ASP A 46 -4.42 1.06 5.89
CA ASP A 46 -4.14 0.69 4.52
C ASP A 46 -2.80 0.00 4.37
N ARG A 47 -2.04 -0.05 5.46
CA ARG A 47 -0.76 -0.75 5.43
C ARG A 47 -0.93 -2.27 5.45
N ASN A 48 -2.11 -2.75 5.78
CA ASN A 48 -2.41 -4.17 5.72
C ASN A 48 -2.20 -4.85 4.34
N PRO A 49 -2.02 -6.19 4.34
CA PRO A 49 -1.82 -7.02 3.15
C PRO A 49 -2.65 -6.64 1.91
N THR A 50 -3.96 -6.49 2.05
CA THR A 50 -4.80 -6.11 0.90
C THR A 50 -5.13 -4.64 0.84
N GLY A 51 -4.58 -3.85 1.76
CA GLY A 51 -4.71 -2.38 1.70
C GLY A 51 -5.94 -1.87 2.43
N SER A 52 -6.52 -2.64 3.34
CA SER A 52 -7.60 -2.18 4.21
C SER A 52 -7.67 -2.88 5.60
N ILE A 53 -8.40 -2.24 6.49
CA ILE A 53 -8.64 -2.71 7.85
C ILE A 53 -9.37 -4.06 7.91
N LYS A 54 -10.04 -4.42 6.81
CA LYS A 54 -10.79 -5.68 6.76
C LYS A 54 -9.92 -6.88 6.83
N ASP A 55 -8.61 -6.73 6.66
CA ASP A 55 -7.73 -7.90 6.81
C ASP A 55 -7.87 -8.49 8.22
N ARG A 56 -8.10 -7.61 9.19
CA ARG A 56 -8.14 -8.03 10.58
C ARG A 56 -9.33 -8.90 10.92
N PRO A 57 -10.55 -8.42 10.67
CA PRO A 57 -11.68 -9.30 10.96
C PRO A 57 -11.72 -10.54 10.08
N ALA A 58 -11.28 -10.42 8.83
CA ALA A 58 -11.35 -11.56 7.93
C ALA A 58 -10.47 -12.71 8.43
N VAL A 59 -9.24 -12.41 8.84
CA VAL A 59 -8.35 -13.44 9.34
C VAL A 59 -8.94 -14.02 10.66
N ARG A 60 -9.36 -13.14 11.58
CA ARG A 60 -9.91 -13.60 12.87
C ARG A 60 -11.20 -14.43 12.70
N MET A 61 -12.01 -14.07 11.72
CA MET A 61 -13.25 -14.81 11.50
C MET A 61 -12.99 -16.23 11.01
N ILE A 62 -12.01 -16.39 10.15
CA ILE A 62 -11.61 -17.71 9.69
C ILE A 62 -11.02 -18.54 10.84
N GLU A 63 -10.19 -17.92 11.66
CA GLU A 63 -9.59 -18.62 12.81
C GLU A 63 -10.65 -19.05 13.80
N GLN A 64 -11.61 -18.16 14.08
CA GLN A 64 -12.67 -18.48 15.00
C GLN A 64 -13.59 -19.58 14.42
N ALA A 65 -13.83 -19.52 13.13
CA ALA A 65 -14.59 -20.57 12.46
C ALA A 65 -13.85 -21.91 12.48
N GLU A 66 -12.52 -21.89 12.41
CA GLU A 66 -11.76 -23.10 12.60
C GLU A 66 -11.94 -23.64 14.02
N ALA A 67 -11.76 -22.77 15.00
CA ALA A 67 -11.83 -23.16 16.40
C ALA A 67 -13.21 -23.71 16.74
N ASP A 68 -14.24 -23.11 16.17
CA ASP A 68 -15.63 -23.52 16.34
C ASP A 68 -16.02 -24.78 15.54
N GLY A 69 -15.07 -25.31 14.78
CA GLY A 69 -15.29 -26.52 14.01
C GLY A 69 -16.24 -26.35 12.85
N LEU A 70 -16.29 -25.14 12.30
CA LEU A 70 -17.05 -24.87 11.08
C LEU A 70 -16.14 -25.04 9.84
N LEU A 71 -14.84 -24.81 9.98
CA LEU A 71 -13.92 -25.00 8.87
C LEU A 71 -12.95 -26.13 9.15
N ARG A 72 -12.90 -27.09 8.24
CA ARG A 72 -11.97 -28.21 8.30
C ARG A 72 -11.28 -28.29 6.92
N PRO A 73 -10.18 -29.07 6.81
CA PRO A 73 -9.46 -29.17 5.56
C PRO A 73 -10.37 -29.41 4.38
N GLY A 74 -10.14 -28.69 3.29
CA GLY A 74 -10.93 -28.83 2.07
C GLY A 74 -12.22 -28.05 2.09
N ALA A 75 -12.41 -27.15 3.05
CA ALA A 75 -13.65 -26.40 3.13
C ALA A 75 -13.69 -25.27 2.10
N THR A 76 -14.89 -24.76 1.87
CA THR A 76 -15.14 -23.64 1.00
C THR A 76 -15.84 -22.57 1.80
N ILE A 77 -15.40 -21.32 1.67
CA ILE A 77 -16.02 -20.20 2.34
C ILE A 77 -16.88 -19.47 1.32
N LEU A 78 -18.09 -19.11 1.69
CA LEU A 78 -18.93 -18.28 0.83
C LEU A 78 -19.16 -16.95 1.48
N GLU A 79 -18.93 -15.89 0.75
CA GLU A 79 -19.18 -14.55 1.27
C GLU A 79 -20.05 -13.73 0.32
N PRO A 80 -21.14 -13.13 0.86
CA PRO A 80 -22.04 -12.42 -0.03
C PRO A 80 -21.74 -10.95 -0.12
N THR A 81 -20.49 -10.58 -0.30
CA THR A 81 -20.06 -9.21 -0.22
C THR A 81 -18.97 -9.06 -1.29
N SER A 82 -18.77 -7.84 -1.77
CA SER A 82 -17.89 -7.63 -2.93
C SER A 82 -16.94 -6.44 -2.77
N GLY A 83 -16.77 -6.00 -1.52
CA GLY A 83 -15.90 -4.92 -1.18
C GLY A 83 -14.63 -5.32 -0.44
N ASN A 84 -14.17 -4.44 0.44
CA ASN A 84 -12.93 -4.69 1.16
C ASN A 84 -12.94 -6.04 1.88
N THR A 85 -14.05 -6.42 2.48
CA THR A 85 -14.10 -7.71 3.17
C THR A 85 -14.02 -8.83 2.14
N GLY A 86 -14.64 -8.63 0.98
CA GLY A 86 -14.52 -9.63 -0.08
C GLY A 86 -13.09 -9.94 -0.43
N ILE A 87 -12.31 -8.87 -0.62
CA ILE A 87 -10.91 -8.98 -0.97
C ILE A 87 -10.10 -9.60 0.16
N SER A 88 -10.33 -9.13 1.39
CA SER A 88 -9.57 -9.62 2.54
C SER A 88 -9.79 -11.11 2.72
N LEU A 89 -11.05 -11.53 2.65
CA LEU A 89 -11.38 -12.96 2.75
C LEU A 89 -10.81 -13.81 1.61
N ALA A 90 -10.85 -13.31 0.39
CA ALA A 90 -10.22 -14.05 -0.72
C ALA A 90 -8.74 -14.29 -0.48
N MET A 91 -8.06 -13.26 0.00
CA MET A 91 -6.62 -13.36 0.20
C MET A 91 -6.40 -14.37 1.30
N ALA A 92 -7.13 -14.20 2.39
CA ALA A 92 -6.91 -14.98 3.58
C ALA A 92 -7.34 -16.44 3.46
N ALA A 93 -8.50 -16.68 2.84
CA ALA A 93 -9.03 -18.04 2.64
C ALA A 93 -8.03 -18.87 1.88
N ARG A 94 -7.45 -18.27 0.85
CA ARG A 94 -6.56 -18.95 -0.07
C ARG A 94 -5.26 -19.32 0.61
N LEU A 95 -4.69 -18.37 1.36
CA LEU A 95 -3.48 -18.62 2.09
C LEU A 95 -3.69 -19.68 3.17
N LYS A 96 -4.87 -19.68 3.78
CA LYS A 96 -5.26 -20.69 4.79
C LYS A 96 -5.63 -22.04 4.16
N GLY A 97 -5.68 -22.13 2.84
CA GLY A 97 -5.90 -23.40 2.18
C GLY A 97 -7.34 -23.64 1.75
N TYR A 98 -8.22 -22.68 1.96
CA TYR A 98 -9.64 -22.83 1.58
C TYR A 98 -9.91 -22.14 0.27
N ARG A 99 -10.97 -22.60 -0.38
CA ARG A 99 -11.50 -21.98 -1.58
C ARG A 99 -12.49 -20.95 -1.11
N LEU A 100 -12.61 -19.87 -1.86
CA LEU A 100 -13.62 -18.87 -1.56
C LEU A 100 -14.53 -18.59 -2.75
N ILE A 101 -15.83 -18.56 -2.48
CA ILE A 101 -16.82 -18.20 -3.46
C ILE A 101 -17.45 -16.91 -3.01
N CYS A 102 -17.45 -15.93 -3.90
N CYS A 102 -17.45 -15.91 -3.89
CA CYS A 102 -18.14 -14.69 -3.66
CA CYS A 102 -18.12 -14.65 -3.64
C CYS A 102 -19.48 -14.70 -4.39
C CYS A 102 -19.46 -14.61 -4.38
N VAL A 103 -20.56 -14.58 -3.62
CA VAL A 103 -21.90 -14.45 -4.20
C VAL A 103 -22.20 -12.96 -4.31
N MET A 104 -22.50 -12.50 -5.54
CA MET A 104 -22.72 -11.08 -5.81
C MET A 104 -23.80 -10.78 -6.88
N PRO A 105 -24.49 -9.62 -6.75
CA PRO A 105 -25.41 -9.23 -7.81
C PRO A 105 -24.71 -9.21 -9.19
N GLU A 106 -25.36 -9.76 -10.21
CA GLU A 106 -24.81 -9.77 -11.60
C GLU A 106 -24.39 -8.39 -12.12
N ASN A 107 -24.97 -7.32 -11.59
CA ASN A 107 -24.61 -5.95 -11.96
C ASN A 107 -23.60 -5.28 -11.03
N THR A 108 -22.80 -6.06 -10.32
CA THR A 108 -21.71 -5.48 -9.54
C THR A 108 -20.74 -4.88 -10.54
N SER A 109 -20.17 -3.72 -10.23
CA SER A 109 -19.21 -3.06 -11.12
C SER A 109 -18.11 -4.02 -11.51
N VAL A 110 -17.61 -3.83 -12.72
CA VAL A 110 -16.60 -4.70 -13.29
C VAL A 110 -15.31 -4.61 -12.44
N GLU A 111 -15.06 -3.43 -11.89
CA GLU A 111 -13.84 -3.16 -11.13
C GLU A 111 -13.81 -4.06 -9.92
N ARG A 112 -14.92 -4.09 -9.21
CA ARG A 112 -15.08 -4.96 -8.05
C ARG A 112 -14.91 -6.44 -8.40
N ARG A 113 -15.62 -6.89 -9.42
CA ARG A 113 -15.53 -8.28 -9.86
C ARG A 113 -14.11 -8.68 -10.29
N GLN A 114 -13.47 -7.82 -11.06
CA GLN A 114 -12.13 -8.13 -11.57
C GLN A 114 -11.11 -8.21 -10.46
N LEU A 115 -11.28 -7.39 -9.44
CA LEU A 115 -10.39 -7.47 -8.33
C LEU A 115 -10.56 -8.81 -7.57
N LEU A 116 -11.80 -9.24 -7.32
CA LEU A 116 -12.03 -10.52 -6.62
C LEU A 116 -11.49 -11.70 -7.40
N GLU A 117 -11.66 -11.67 -8.72
CA GLU A 117 -11.10 -12.71 -9.58
C GLU A 117 -9.58 -12.74 -9.55
N LEU A 118 -8.99 -11.56 -9.51
CA LEU A 118 -7.54 -11.41 -9.43
C LEU A 118 -7.02 -12.11 -8.20
N TYR A 119 -7.67 -11.88 -7.07
CA TYR A 119 -7.34 -12.59 -5.80
C TYR A 119 -7.83 -14.06 -5.72
N GLY A 120 -8.36 -14.56 -6.82
CA GLY A 120 -8.64 -15.98 -6.95
C GLY A 120 -9.99 -16.42 -6.40
N ALA A 121 -10.91 -15.50 -6.27
CA ALA A 121 -12.22 -15.85 -5.82
C ALA A 121 -13.04 -16.42 -6.98
N GLN A 122 -13.79 -17.46 -6.68
CA GLN A 122 -14.79 -17.98 -7.59
C GLN A 122 -16.02 -17.07 -7.48
N ILE A 123 -16.60 -16.66 -8.60
CA ILE A 123 -17.79 -15.81 -8.54
C ILE A 123 -19.09 -16.59 -8.86
N ILE A 124 -20.13 -16.29 -8.11
CA ILE A 124 -21.46 -16.77 -8.42
C ILE A 124 -22.38 -15.59 -8.38
N PHE A 125 -23.10 -15.41 -9.49
CA PHE A 125 -23.96 -14.25 -9.72
C PHE A 125 -25.38 -14.56 -9.25
N SER A 126 -25.87 -13.78 -8.31
CA SER A 126 -27.28 -13.73 -7.97
C SER A 126 -27.96 -12.60 -8.79
N ALA A 127 -29.28 -12.48 -8.71
CA ALA A 127 -30.01 -11.54 -9.58
C ALA A 127 -29.77 -10.06 -9.16
N ALA A 128 -29.71 -9.17 -10.15
CA ALA A 128 -29.54 -7.72 -9.88
C ALA A 128 -30.65 -7.15 -9.00
N GLU A 129 -31.87 -7.63 -9.26
CA GLU A 129 -33.09 -7.11 -8.63
C GLU A 129 -33.00 -7.01 -7.12
N GLY A 130 -32.63 -8.12 -6.48
CA GLY A 130 -32.61 -8.15 -5.02
C GLY A 130 -31.38 -7.54 -4.34
N GLY A 131 -30.42 -7.04 -5.13
CA GLY A 131 -29.20 -6.45 -4.56
C GLY A 131 -28.49 -7.39 -3.58
N SER A 132 -28.03 -6.82 -2.48
CA SER A 132 -27.24 -7.53 -1.47
C SER A 132 -28.03 -8.52 -0.64
N ASN A 133 -29.32 -8.25 -0.49
CA ASN A 133 -30.19 -9.13 0.27
C ASN A 133 -30.35 -10.48 -0.38
N THR A 134 -30.55 -10.44 -1.69
CA THR A 134 -30.71 -11.65 -2.46
C THR A 134 -29.39 -12.44 -2.52
N ALA A 135 -28.26 -11.72 -2.62
CA ALA A 135 -26.94 -12.36 -2.60
C ALA A 135 -26.68 -13.04 -1.24
N VAL A 136 -27.05 -12.41 -0.14
CA VAL A 136 -26.98 -13.04 1.22
C VAL A 136 -27.84 -14.30 1.36
N ALA A 137 -29.12 -14.15 1.03
CA ALA A 137 -30.04 -15.27 0.98
C ALA A 137 -29.55 -16.42 0.05
N THR A 138 -28.90 -16.06 -1.05
CA THR A 138 -28.43 -17.06 -2.05
C THR A 138 -27.23 -17.82 -1.46
N ALA A 139 -26.31 -17.11 -0.83
CA ALA A 139 -25.15 -17.73 -0.16
C ALA A 139 -25.56 -18.64 0.99
N LYS A 140 -26.61 -18.25 1.72
CA LYS A 140 -27.14 -19.10 2.76
C LYS A 140 -27.62 -20.41 2.18
N GLU A 141 -28.46 -20.33 1.15
CA GLU A 141 -28.94 -21.52 0.47
C GLU A 141 -27.79 -22.37 -0.06
N LEU A 142 -26.81 -21.72 -0.67
CA LEU A 142 -25.65 -22.45 -1.21
C LEU A 142 -24.87 -23.17 -0.12
N ALA A 143 -24.65 -22.50 1.01
CA ALA A 143 -23.91 -23.10 2.14
C ALA A 143 -24.63 -24.31 2.72
N ALA A 144 -25.94 -24.21 2.88
CA ALA A 144 -26.78 -25.32 3.41
C ALA A 144 -26.67 -26.63 2.61
N THR A 145 -26.24 -26.57 1.35
CA THR A 145 -26.14 -27.77 0.51
C THR A 145 -24.98 -28.66 0.90
N ASN A 146 -24.02 -28.16 1.69
CA ASN A 146 -22.83 -28.93 1.99
C ASN A 146 -22.22 -28.56 3.35
N PRO A 147 -21.90 -29.56 4.20
CA PRO A 147 -21.26 -29.31 5.51
C PRO A 147 -19.97 -28.54 5.35
N SER A 148 -19.19 -28.91 4.34
CA SER A 148 -17.89 -28.30 4.04
C SER A 148 -17.98 -26.85 3.51
N TRP A 149 -19.20 -26.38 3.23
CA TRP A 149 -19.43 -25.05 2.68
C TRP A 149 -20.00 -24.13 3.75
N VAL A 150 -19.31 -23.02 3.99
CA VAL A 150 -19.52 -22.17 5.15
C VAL A 150 -19.59 -20.67 4.84
N MET A 151 -20.58 -19.99 5.44
CA MET A 151 -20.74 -18.52 5.38
C MET A 151 -20.30 -17.93 6.73
N LEU A 152 -19.61 -16.79 6.76
CA LEU A 152 -19.06 -16.28 8.06
C LEU A 152 -19.80 -15.09 8.76
N TYR A 153 -20.79 -14.48 8.12
CA TYR A 153 -21.60 -13.38 8.71
C TYR A 153 -20.76 -12.24 9.36
N GLN A 154 -19.96 -11.52 8.58
CA GLN A 154 -19.20 -10.36 9.13
C GLN A 154 -20.02 -9.30 9.93
N TYR A 155 -21.27 -9.06 9.51
CA TYR A 155 -22.17 -8.14 10.19
C TYR A 155 -22.70 -8.70 11.53
N GLY A 156 -22.59 -9.99 11.75
CA GLY A 156 -23.12 -10.54 12.97
C GLY A 156 -22.11 -11.27 13.75
N ASN A 157 -20.89 -11.32 13.23
CA ASN A 157 -19.85 -12.21 13.73
C ASN A 157 -18.95 -11.56 14.78
N PRO A 158 -18.99 -12.03 16.04
CA PRO A 158 -18.15 -11.52 17.14
C PRO A 158 -16.64 -11.56 16.93
N ALA A 159 -16.18 -12.35 15.96
CA ALA A 159 -14.75 -12.42 15.69
C ALA A 159 -14.32 -11.11 15.04
N ASN A 160 -15.23 -10.49 14.28
CA ASN A 160 -15.01 -9.17 13.71
C ASN A 160 -14.60 -8.22 14.84
N THR A 161 -15.51 -8.01 15.78
CA THR A 161 -15.28 -7.20 16.96
C THR A 161 -14.02 -7.63 17.73
N ASP A 162 -13.83 -8.92 17.91
CA ASP A 162 -12.66 -9.40 18.63
C ASP A 162 -11.36 -9.03 17.99
N SER A 163 -11.34 -8.95 16.66
CA SER A 163 -10.09 -8.62 15.97
C SER A 163 -9.62 -7.22 16.37
N HIS A 164 -10.55 -6.34 16.74
CA HIS A 164 -10.18 -4.97 17.12
C HIS A 164 -9.93 -4.87 18.60
N TYR A 165 -10.55 -5.76 19.38
CA TYR A 165 -10.32 -5.79 20.81
C TYR A 165 -8.94 -6.39 21.10
N CYS A 166 -8.49 -7.31 20.24
CA CYS A 166 -7.21 -7.99 20.40
C CYS A 166 -6.10 -7.43 19.50
N GLY A 167 -6.46 -6.58 18.54
CA GLY A 167 -5.49 -6.02 17.58
C GLY A 167 -5.40 -4.52 17.68
N THR A 168 -6.42 -3.87 17.15
CA THR A 168 -6.41 -2.44 16.91
C THR A 168 -6.25 -1.70 18.24
N GLY A 169 -7.06 -2.10 19.21
CA GLY A 169 -7.06 -1.51 20.55
C GLY A 169 -5.69 -1.54 21.23
N PRO A 170 -5.15 -2.75 21.50
CA PRO A 170 -3.83 -2.86 22.13
C PRO A 170 -2.77 -2.06 21.42
N GLU A 171 -2.81 -2.06 20.10
CA GLU A 171 -1.84 -1.31 19.27
C GLU A 171 -1.97 0.17 19.48
N LEU A 172 -3.22 0.64 19.54
CA LEU A 172 -3.47 2.04 19.85
C LEU A 172 -2.97 2.45 21.23
N LEU A 173 -3.27 1.66 22.25
CA LEU A 173 -2.88 1.99 23.61
C LEU A 173 -1.37 1.98 23.72
N ALA A 174 -0.74 1.04 23.04
CA ALA A 174 0.71 1.05 22.96
C ALA A 174 1.34 2.32 22.37
N ASP A 175 0.76 2.84 21.31
CA ASP A 175 1.40 3.93 20.64
C ASP A 175 0.92 5.25 21.19
N LEU A 176 -0.23 5.27 21.87
CA LEU A 176 -0.83 6.52 22.32
C LEU A 176 -1.47 6.38 23.67
N PRO A 177 -0.67 6.14 24.74
CA PRO A 177 -1.25 5.94 26.08
C PRO A 177 -1.93 7.18 26.61
N GLU A 178 -1.63 8.32 26.04
CA GLU A 178 -2.30 9.55 26.44
C GLU A 178 -3.61 9.78 25.69
N ILE A 179 -4.09 8.77 24.96
CA ILE A 179 -5.27 8.91 24.11
C ILE A 179 -6.48 9.45 24.88
N THR A 180 -7.18 10.43 24.29
CA THR A 180 -8.41 10.96 24.85
C THR A 180 -9.66 10.61 24.02
N HIS A 181 -9.50 10.41 22.71
CA HIS A 181 -10.61 10.08 21.81
C HIS A 181 -10.16 9.11 20.71
N PHE A 182 -11.07 8.20 20.34
CA PHE A 182 -10.92 7.32 19.19
C PHE A 182 -12.09 7.59 18.25
N VAL A 183 -11.76 7.76 16.98
CA VAL A 183 -12.73 8.11 15.95
C VAL A 183 -12.59 7.17 14.77
N ALA A 184 -13.71 6.58 14.36
CA ALA A 184 -13.73 5.73 13.16
C ALA A 184 -15.12 5.65 12.55
N GLY A 185 -15.23 5.00 11.40
CA GLY A 185 -16.46 4.85 10.72
C GLY A 185 -17.32 3.78 11.34
N LEU A 186 -18.63 3.94 11.20
CA LEU A 186 -19.60 3.01 11.71
C LEU A 186 -20.22 2.27 10.52
N GLY A 187 -19.69 1.09 10.21
CA GLY A 187 -20.25 0.20 9.21
C GLY A 187 -20.75 -1.10 9.79
N THR A 188 -19.97 -2.18 9.72
CA THR A 188 -20.32 -3.38 10.48
C THR A 188 -20.38 -3.09 11.99
N THR A 189 -19.72 -1.99 12.40
CA THR A 189 -19.50 -1.60 13.78
C THR A 189 -18.37 -2.35 14.48
N GLY A 190 -17.72 -3.29 13.82
CA GLY A 190 -16.63 -3.99 14.45
C GLY A 190 -15.52 -3.12 15.04
N THR A 191 -15.08 -2.13 14.28
CA THR A 191 -13.98 -1.29 14.68
C THR A 191 -14.28 -0.54 15.94
N LEU A 192 -15.39 0.18 15.93
CA LEU A 192 -15.77 0.99 17.10
C LEU A 192 -16.13 0.10 18.31
N MET A 193 -16.88 -0.97 18.07
CA MET A 193 -17.29 -1.88 19.17
C MET A 193 -16.11 -2.61 19.80
N GLY A 194 -15.24 -3.18 18.99
CA GLY A 194 -14.05 -3.92 19.46
C GLY A 194 -13.01 -3.00 20.07
N THR A 195 -12.58 -2.01 19.29
CA THR A 195 -11.56 -1.08 19.77
C THR A 195 -12.11 -0.27 20.94
N GLY A 196 -13.38 0.11 20.85
CA GLY A 196 -13.94 1.05 21.82
C GLY A 196 -14.13 0.40 23.16
N ARG A 197 -14.54 -0.86 23.17
CA ARG A 197 -14.69 -1.59 24.42
C ARG A 197 -13.35 -1.82 25.09
N PHE A 198 -12.34 -2.12 24.28
CA PHE A 198 -10.99 -2.28 24.83
C PHE A 198 -10.47 -1.01 25.47
N LEU A 199 -10.55 0.10 24.76
CA LEU A 199 -10.03 1.37 25.26
C LEU A 199 -10.78 1.86 26.51
N ARG A 200 -12.07 1.60 26.59
CA ARG A 200 -12.85 2.01 27.75
C ARG A 200 -12.49 1.24 29.04
N GLU A 201 -12.20 -0.04 28.89
CA GLU A 201 -11.70 -0.87 30.00
C GLU A 201 -10.33 -0.45 30.53
N HIS A 202 -9.56 0.31 29.74
CA HIS A 202 -8.16 0.62 30.06
C HIS A 202 -7.84 2.09 30.28
N VAL A 203 -8.57 2.97 29.60
CA VAL A 203 -8.29 4.40 29.67
C VAL A 203 -9.51 5.08 30.26
N ALA A 204 -9.33 5.66 31.44
CA ALA A 204 -10.40 6.39 32.10
C ALA A 204 -10.82 7.57 31.26
N ASN A 205 -12.11 7.75 31.08
CA ASN A 205 -12.67 8.96 30.45
C ASN A 205 -12.47 9.02 28.92
N VAL A 206 -11.94 7.94 28.33
CA VAL A 206 -11.76 7.93 26.87
C VAL A 206 -13.11 8.07 26.15
N LYS A 207 -13.13 8.82 25.04
CA LYS A 207 -14.34 8.99 24.22
C LYS A 207 -14.26 8.18 22.94
N ILE A 208 -15.35 7.52 22.57
CA ILE A 208 -15.44 6.69 21.37
C ILE A 208 -16.47 7.31 20.45
N VAL A 209 -16.01 7.78 19.29
CA VAL A 209 -16.80 8.62 18.41
C VAL A 209 -16.93 8.00 17.02
N ALA A 210 -18.16 7.89 16.55
CA ALA A 210 -18.46 7.33 15.25
C ALA A 210 -18.70 8.42 14.21
N ALA A 211 -18.24 8.14 13.00
CA ALA A 211 -18.63 8.84 11.79
C ALA A 211 -19.46 7.88 10.93
N GLU A 212 -20.49 8.40 10.30
CA GLU A 212 -21.41 7.60 9.51
C GLU A 212 -22.10 8.48 8.49
N PRO A 213 -22.60 7.87 7.42
CA PRO A 213 -23.28 8.68 6.40
C PRO A 213 -24.62 9.26 6.90
N ARG A 214 -25.06 10.33 6.25
CA ARG A 214 -26.37 10.94 6.55
C ARG A 214 -27.49 10.01 6.23
N TYR A 215 -28.52 10.01 7.04
CA TYR A 215 -29.63 9.06 6.86
C TYR A 215 -30.11 8.97 5.40
N GLU A 232 -26.43 -8.29 14.63
CA GLU A 232 -25.62 -7.09 14.76
C GLU A 232 -24.68 -7.08 15.99
N LEU A 233 -23.53 -6.47 15.78
CA LEU A 233 -22.49 -6.35 16.80
C LEU A 233 -22.65 -5.05 17.58
N TYR A 234 -23.44 -4.12 17.04
CA TYR A 234 -23.63 -2.81 17.67
C TYR A 234 -24.13 -2.94 19.09
N ASP A 235 -23.44 -2.27 20.01
CA ASP A 235 -23.81 -2.21 21.42
C ASP A 235 -24.03 -0.72 21.71
N PRO A 236 -25.24 -0.34 22.18
CA PRO A 236 -25.59 1.07 22.35
C PRO A 236 -24.81 1.80 23.42
N GLU A 237 -24.10 1.07 24.25
CA GLU A 237 -23.44 1.65 25.42
C GLU A 237 -22.00 2.12 25.14
N ILE A 238 -21.42 1.70 24.01
CA ILE A 238 -19.99 1.96 23.73
C ILE A 238 -19.65 3.37 23.26
N LEU A 239 -20.44 3.90 22.32
CA LEU A 239 -20.14 5.19 21.71
C LEU A 239 -20.46 6.35 22.66
N THR A 240 -19.61 7.39 22.65
CA THR A 240 -19.88 8.60 23.42
C THR A 240 -20.47 9.66 22.52
N ALA A 241 -20.19 9.58 21.23
CA ALA A 241 -20.70 10.54 20.28
C ALA A 241 -20.76 9.91 18.90
N ARG A 242 -21.47 10.60 18.04
CA ARG A 242 -21.89 10.03 16.78
C ARG A 242 -22.09 11.19 15.81
N TYR A 243 -21.36 11.20 14.69
CA TYR A 243 -21.44 12.29 13.69
C TYR A 243 -21.96 11.73 12.37
N SER A 244 -22.95 12.40 11.78
CA SER A 244 -23.46 12.10 10.43
C SER A 244 -22.81 13.07 9.48
N VAL A 245 -22.27 12.57 8.37
CA VAL A 245 -21.40 13.37 7.54
C VAL A 245 -21.94 13.36 6.11
N GLY A 246 -22.05 14.54 5.54
CA GLY A 246 -22.49 14.66 4.16
C GLY A 246 -21.34 14.40 3.21
N ALA A 247 -21.70 14.17 1.96
CA ALA A 247 -20.75 13.75 0.94
C ALA A 247 -19.77 14.85 0.63
N VAL A 248 -20.25 16.08 0.60
CA VAL A 248 -19.35 17.19 0.32
C VAL A 248 -18.31 17.30 1.40
N ASP A 249 -18.71 17.14 2.67
CA ASP A 249 -17.76 17.24 3.76
C ASP A 249 -16.74 16.10 3.77
N ALA A 250 -17.21 14.89 3.55
CA ALA A 250 -16.30 13.74 3.46
C ALA A 250 -15.29 13.98 2.37
N VAL A 251 -15.79 14.36 1.19
CA VAL A 251 -14.93 14.57 0.03
C VAL A 251 -13.88 15.66 0.26
N ARG A 252 -14.31 16.77 0.86
CA ARG A 252 -13.42 17.90 1.03
C ARG A 252 -12.33 17.58 2.08
N ARG A 253 -12.72 16.82 3.10
CA ARG A 253 -11.71 16.39 4.09
C ARG A 253 -10.70 15.39 3.50
N THR A 254 -11.15 14.56 2.55
CA THR A 254 -10.29 13.55 1.97
C THR A 254 -9.18 14.27 1.18
N ARG A 255 -9.58 15.29 0.44
CA ARG A 255 -8.65 16.08 -0.35
C ARG A 255 -7.67 16.83 0.53
N GLU A 256 -8.17 17.43 1.61
CA GLU A 256 -7.33 18.18 2.48
C GLU A 256 -6.25 17.29 3.07
N LEU A 257 -6.61 16.06 3.44
CA LEU A 257 -5.65 15.07 3.97
C LEU A 257 -4.52 14.70 3.01
N VAL A 258 -4.82 14.48 1.74
CA VAL A 258 -3.73 14.23 0.76
C VAL A 258 -2.91 15.51 0.48
N HIS A 259 -3.60 16.65 0.35
CA HIS A 259 -2.93 17.92 0.02
C HIS A 259 -2.05 18.44 1.15
N THR A 260 -2.48 18.21 2.37
CA THR A 260 -1.83 18.81 3.51
C THR A 260 -0.93 17.85 4.25
N GLU A 261 -1.31 16.58 4.27
CA GLU A 261 -0.58 15.59 5.02
C GLU A 261 0.02 14.49 4.20
N GLY A 262 -0.20 14.49 2.89
CA GLY A 262 0.46 13.51 2.01
C GLY A 262 -0.04 12.09 2.22
N ILE A 263 -1.22 11.96 2.82
CA ILE A 263 -1.84 10.65 3.05
C ILE A 263 -3.01 10.53 2.10
N PHE A 264 -2.92 9.56 1.20
CA PHE A 264 -3.92 9.36 0.14
C PHE A 264 -4.90 8.30 0.61
N ALA A 265 -6.07 8.73 1.07
CA ALA A 265 -6.98 7.89 1.83
C ALA A 265 -8.32 7.76 1.15
N GLY A 266 -9.07 6.75 1.57
CA GLY A 266 -10.41 6.52 1.01
C GLY A 266 -11.39 7.55 1.53
N ILE A 267 -12.61 7.50 0.98
CA ILE A 267 -13.63 8.50 1.29
C ILE A 267 -14.13 8.40 2.72
N SER A 268 -14.18 7.18 3.27
CA SER A 268 -14.61 7.00 4.63
C SER A 268 -13.65 7.67 5.61
N THR A 269 -12.39 7.82 5.23
CA THR A 269 -11.46 8.54 6.05
C THR A 269 -11.83 10.03 6.12
N GLY A 270 -12.23 10.60 4.99
CA GLY A 270 -12.72 12.00 4.99
C GLY A 270 -13.84 12.22 5.97
N ALA A 271 -14.76 11.28 5.99
CA ALA A 271 -15.85 11.34 6.96
C ALA A 271 -15.31 11.31 8.40
N VAL A 272 -14.47 10.32 8.71
CA VAL A 272 -13.84 10.19 10.02
C VAL A 272 -13.14 11.49 10.38
N LEU A 273 -12.43 12.07 9.41
CA LEU A 273 -11.64 13.27 9.63
C LEU A 273 -12.53 14.46 9.93
N HIS A 274 -13.69 14.51 9.28
CA HIS A 274 -14.70 15.54 9.57
C HIS A 274 -15.14 15.45 11.01
N ALA A 275 -15.51 14.25 11.45
CA ALA A 275 -15.89 14.06 12.86
C ALA A 275 -14.74 14.46 13.78
N ALA A 276 -13.53 13.98 13.49
CA ALA A 276 -12.39 14.21 14.37
C ALA A 276 -12.04 15.67 14.46
N LEU A 277 -12.22 16.39 13.36
CA LEU A 277 -11.97 17.85 13.40
C LEU A 277 -13.00 18.58 14.24
N GLY A 278 -14.26 18.16 14.19
CA GLY A 278 -15.28 18.73 15.07
C GLY A 278 -14.96 18.49 16.53
N VAL A 279 -14.68 17.23 16.86
CA VAL A 279 -14.19 16.87 18.17
C VAL A 279 -13.02 17.75 18.59
N GLY A 280 -12.01 17.87 17.71
CA GLY A 280 -10.85 18.74 17.92
C GLY A 280 -11.14 20.22 18.17
N ALA A 281 -12.00 20.79 17.34
CA ALA A 281 -12.38 22.22 17.49
C ALA A 281 -13.09 22.44 18.81
N GLY A 282 -13.94 21.49 19.19
CA GLY A 282 -14.62 21.49 20.47
C GLY A 282 -13.67 21.47 21.66
N ALA A 283 -12.70 20.56 21.66
CA ALA A 283 -11.66 20.56 22.68
C ALA A 283 -10.87 21.90 22.70
N LEU A 284 -10.49 22.37 21.53
CA LEU A 284 -9.77 23.63 21.38
C LEU A 284 -10.56 24.82 22.02
N ALA A 285 -11.84 24.96 21.67
CA ALA A 285 -12.70 26.01 22.27
C ALA A 285 -12.77 25.90 23.80
N ALA A 286 -12.98 24.69 24.29
CA ALA A 286 -13.01 24.43 25.73
C ALA A 286 -11.64 24.46 26.43
N GLY A 287 -10.55 24.72 25.71
CA GLY A 287 -9.22 24.69 26.32
C GLY A 287 -8.81 23.39 26.98
N GLU A 288 -9.25 22.25 26.42
CA GLU A 288 -8.88 20.93 26.92
C GLU A 288 -7.77 20.31 26.06
N ARG A 289 -6.89 19.54 26.69
CA ARG A 289 -5.85 18.82 25.96
C ARG A 289 -6.41 17.55 25.28
N ALA A 290 -6.15 17.37 23.98
CA ALA A 290 -6.69 16.22 23.28
C ALA A 290 -5.65 15.47 22.47
N ASP A 291 -5.76 14.16 22.51
CA ASP A 291 -5.02 13.27 21.62
C ASP A 291 -6.04 12.31 20.98
N ILE A 292 -6.41 12.67 19.75
CA ILE A 292 -7.50 12.06 19.02
C ILE A 292 -6.96 11.13 17.93
N ALA A 293 -7.22 9.84 18.08
CA ALA A 293 -6.74 8.84 17.13
C ALA A 293 -7.88 8.57 16.19
N LEU A 294 -7.59 8.54 14.88
CA LEU A 294 -8.61 8.29 13.86
C LEU A 294 -8.14 7.24 12.88
N VAL A 295 -9.09 6.50 12.33
CA VAL A 295 -8.81 5.38 11.46
C VAL A 295 -8.73 5.83 10.01
N VAL A 296 -7.65 5.47 9.32
CA VAL A 296 -7.60 5.55 7.87
C VAL A 296 -7.84 4.11 7.33
N ALA A 297 -9.06 3.80 6.88
CA ALA A 297 -9.44 2.36 6.73
C ALA A 297 -8.95 1.77 5.43
N ASP A 298 -8.87 2.60 4.40
CA ASP A 298 -8.28 2.20 3.16
C ASP A 298 -7.74 3.42 2.40
N ALA A 299 -7.07 3.14 1.29
CA ALA A 299 -6.44 4.20 0.50
C ALA A 299 -7.42 4.72 -0.56
N GLY A 300 -7.01 5.74 -1.30
CA GLY A 300 -7.85 6.38 -2.29
C GLY A 300 -7.98 5.71 -3.65
N TRP A 301 -7.18 4.70 -3.91
CA TRP A 301 -7.10 4.11 -5.26
C TRP A 301 -8.44 3.84 -5.88
N LYS A 302 -9.27 3.08 -5.20
CA LYS A 302 -10.53 2.68 -5.81
C LYS A 302 -11.61 3.76 -5.85
N TYR A 303 -11.37 4.91 -5.24
CA TYR A 303 -12.34 6.01 -5.30
C TYR A 303 -11.92 7.06 -6.32
N LEU A 304 -10.78 6.84 -6.94
CA LEU A 304 -10.14 7.83 -7.78
C LEU A 304 -10.93 8.06 -9.08
N SER A 305 -11.53 7.01 -9.60
CA SER A 305 -12.22 7.09 -10.88
C SER A 305 -13.47 7.93 -10.76
N THR A 306 -14.05 8.02 -9.58
CA THR A 306 -15.21 8.89 -9.36
C THR A 306 -14.93 10.36 -9.69
N GLY A 307 -13.67 10.76 -9.72
CA GLY A 307 -13.27 12.15 -9.93
C GLY A 307 -13.26 12.97 -8.65
N ALA A 308 -13.61 12.33 -7.54
CA ALA A 308 -13.73 12.99 -6.23
C ALA A 308 -12.54 13.82 -5.75
N TYR A 309 -11.33 13.39 -6.08
CA TYR A 309 -10.10 13.97 -5.49
C TYR A 309 -9.67 15.32 -6.11
N ALA A 310 -10.33 15.70 -7.20
CA ALA A 310 -10.10 16.98 -7.86
C ALA A 310 -11.36 17.49 -8.53
N GLY A 311 -11.42 18.80 -8.71
CA GLY A 311 -12.49 19.44 -9.48
C GLY A 311 -13.71 19.68 -8.63
N SER A 312 -14.83 19.88 -9.31
CA SER A 312 -16.09 20.28 -8.72
C SER A 312 -16.53 19.36 -7.57
N LEU A 313 -16.74 19.95 -6.40
CA LEU A 313 -17.27 19.22 -5.27
C LEU A 313 -18.65 18.67 -5.57
N ASP A 314 -19.47 19.46 -6.28
CA ASP A 314 -20.84 19.03 -6.60
C ASP A 314 -20.79 17.81 -7.52
N ASP A 315 -19.82 17.81 -8.41
CA ASP A 315 -19.66 16.64 -9.31
C ASP A 315 -19.22 15.42 -8.54
N ALA A 316 -18.38 15.61 -7.52
CA ALA A 316 -17.95 14.51 -6.67
C ALA A 316 -19.15 13.95 -5.91
N GLU A 317 -19.95 14.85 -5.34
CA GLU A 317 -21.20 14.46 -4.67
C GLU A 317 -22.06 13.60 -5.60
N THR A 318 -22.32 14.10 -6.81
CA THR A 318 -23.12 13.36 -7.79
C THR A 318 -22.51 12.00 -8.10
N ALA A 319 -21.20 11.95 -8.39
CA ALA A 319 -20.49 10.67 -8.63
C ALA A 319 -20.52 9.73 -7.42
N LEU A 320 -20.96 10.24 -6.26
CA LEU A 320 -21.11 9.46 -5.02
C LEU A 320 -19.75 9.02 -4.51
N ARG B 6 4.84 4.46 16.82
CA ARG B 6 4.31 5.80 16.92
C ARG B 6 5.27 6.72 16.19
N TYR B 7 4.74 7.54 15.30
CA TYR B 7 5.54 8.45 14.47
C TYR B 7 4.97 9.85 14.46
N ASP B 8 5.79 10.82 14.82
CA ASP B 8 5.39 12.21 14.74
C ASP B 8 5.13 12.65 13.35
N SER B 9 5.86 12.06 12.41
CA SER B 9 5.74 12.46 11.04
C SER B 9 5.62 11.19 10.18
N LEU B 10 4.81 11.29 9.12
CA LEU B 10 4.71 10.25 8.11
C LEU B 10 6.06 9.87 7.51
N LEU B 11 6.95 10.85 7.43
CA LEU B 11 8.33 10.64 6.92
C LEU B 11 9.12 9.54 7.61
N GLN B 12 8.83 9.32 8.88
CA GLN B 12 9.52 8.33 9.68
C GLN B 12 8.86 6.95 9.53
N ALA B 13 7.65 6.91 8.97
CA ALA B 13 6.90 5.64 8.88
C ALA B 13 7.22 4.96 7.55
N LEU B 14 8.48 4.62 7.36
CA LEU B 14 8.95 4.11 6.08
C LEU B 14 10.10 3.15 6.35
N GLY B 15 10.38 2.26 5.42
CA GLY B 15 11.38 1.21 5.65
C GLY B 15 10.97 0.26 6.76
N ASN B 16 11.90 -0.59 7.20
CA ASN B 16 11.57 -1.78 8.03
C ASN B 16 10.36 -2.56 7.51
N THR B 17 10.42 -2.88 6.22
CA THR B 17 9.31 -3.51 5.55
C THR B 17 9.36 -5.05 5.74
N PRO B 18 8.18 -5.68 5.70
CA PRO B 18 8.16 -7.12 5.93
C PRO B 18 8.83 -7.92 4.84
N LEU B 19 9.47 -9.02 5.24
CA LEU B 19 9.95 -10.01 4.27
C LEU B 19 9.03 -11.24 4.39
N VAL B 20 8.34 -11.57 3.31
CA VAL B 20 7.31 -12.62 3.36
C VAL B 20 7.62 -13.84 2.50
N GLY B 21 7.51 -15.02 3.10
CA GLY B 21 7.83 -16.25 2.42
C GLY B 21 6.74 -16.63 1.47
N LEU B 22 7.13 -17.04 0.28
CA LEU B 22 6.19 -17.49 -0.74
C LEU B 22 6.18 -19.02 -0.79
N GLN B 23 5.37 -19.59 0.08
CA GLN B 23 5.33 -21.03 0.28
C GLN B 23 4.80 -21.81 -0.91
N ARG B 24 3.89 -21.20 -1.66
CA ARG B 24 3.24 -21.86 -2.78
C ARG B 24 3.97 -21.59 -4.10
N LEU B 25 4.44 -20.37 -4.31
CA LEU B 25 5.14 -20.03 -5.52
C LEU B 25 6.60 -20.45 -5.53
N SER B 26 7.17 -20.70 -4.35
CA SER B 26 8.58 -21.12 -4.30
C SER B 26 8.79 -22.42 -5.09
N PRO B 27 9.90 -22.55 -5.81
CA PRO B 27 10.11 -23.84 -6.44
C PRO B 27 10.11 -25.01 -5.45
N ARG B 28 10.66 -24.83 -4.24
CA ARG B 28 10.58 -25.88 -3.22
C ARG B 28 10.78 -25.29 -1.85
N TRP B 29 9.69 -25.19 -1.10
CA TRP B 29 9.74 -24.53 0.16
C TRP B 29 10.43 -25.40 1.22
N ASP B 30 10.16 -26.70 1.17
CA ASP B 30 10.64 -27.67 2.18
C ASP B 30 11.86 -28.38 1.69
N ASP B 31 12.83 -28.52 2.56
CA ASP B 31 13.96 -29.38 2.31
C ASP B 31 13.40 -30.82 2.26
N GLY B 32 14.07 -31.73 1.56
CA GLY B 32 13.58 -33.11 1.51
C GLY B 32 14.38 -34.06 0.66
N ARG B 33 13.78 -35.19 0.32
CA ARG B 33 14.51 -36.27 -0.32
C ARG B 33 14.91 -35.96 -1.74
N ASP B 34 14.23 -34.99 -2.36
CA ASP B 34 14.58 -34.56 -3.72
C ASP B 34 15.61 -33.45 -3.71
N GLY B 35 15.96 -32.98 -2.53
CA GLY B 35 17.03 -31.97 -2.42
C GLY B 35 16.64 -30.81 -1.52
N PRO B 36 17.58 -29.89 -1.30
CA PRO B 36 17.34 -28.74 -0.42
C PRO B 36 16.32 -27.71 -0.94
N HIS B 37 15.79 -26.92 -0.02
CA HIS B 37 14.76 -25.92 -0.32
C HIS B 37 15.26 -24.90 -1.33
N VAL B 38 14.36 -24.45 -2.18
CA VAL B 38 14.54 -23.27 -2.98
C VAL B 38 13.39 -22.33 -2.70
N ARG B 39 13.68 -21.33 -1.87
CA ARG B 39 12.70 -20.40 -1.33
C ARG B 39 12.76 -18.98 -1.95
N LEU B 40 11.60 -18.37 -2.08
CA LEU B 40 11.45 -16.99 -2.53
C LEU B 40 10.88 -16.25 -1.36
N TRP B 41 11.49 -15.10 -1.08
CA TRP B 41 11.05 -14.21 -0.03
C TRP B 41 10.79 -12.81 -0.67
N ALA B 42 9.58 -12.29 -0.49
CA ALA B 42 9.13 -11.02 -1.09
C ALA B 42 9.25 -9.84 -0.10
N LYS B 43 10.05 -8.85 -0.44
CA LYS B 43 10.24 -7.67 0.41
C LYS B 43 9.21 -6.65 -0.01
N LEU B 44 8.33 -6.26 0.92
CA LEU B 44 7.09 -5.54 0.58
C LEU B 44 7.25 -4.02 0.72
N GLU B 45 7.81 -3.40 -0.32
CA GLU B 45 8.13 -1.97 -0.29
C GLU B 45 6.93 -1.08 -0.60
N ASP B 46 5.77 -1.68 -0.90
CA ASP B 46 4.52 -0.92 -0.88
C ASP B 46 4.06 -0.55 0.53
N ARG B 47 4.62 -1.18 1.56
CA ARG B 47 4.37 -0.76 2.95
C ARG B 47 5.22 0.47 3.27
N ASN B 48 4.88 1.60 2.70
CA ASN B 48 5.69 2.80 2.80
C ASN B 48 4.72 4.01 2.65
N PRO B 49 5.13 5.22 3.02
CA PRO B 49 4.28 6.44 2.97
C PRO B 49 3.36 6.60 1.72
N THR B 50 3.93 6.57 0.52
CA THR B 50 3.15 6.71 -0.72
C THR B 50 2.98 5.41 -1.51
N GLY B 51 3.31 4.29 -0.94
CA GLY B 51 3.03 3.00 -1.60
C GLY B 51 4.11 2.46 -2.49
N SER B 52 5.33 2.99 -2.40
CA SER B 52 6.44 2.47 -3.19
C SER B 52 7.79 2.59 -2.53
N ILE B 53 8.75 1.87 -3.10
CA ILE B 53 10.11 1.88 -2.62
C ILE B 53 10.78 3.25 -2.73
N LYS B 54 10.18 4.15 -3.50
CA LYS B 54 10.76 5.45 -3.78
C LYS B 54 10.70 6.35 -2.60
N ASP B 55 9.85 6.05 -1.62
CA ASP B 55 9.91 6.84 -0.39
C ASP B 55 11.29 6.84 0.24
N ARG B 56 12.08 5.76 0.06
CA ARG B 56 13.40 5.65 0.72
C ARG B 56 14.38 6.65 0.11
N PRO B 57 14.62 6.59 -1.19
CA PRO B 57 15.55 7.53 -1.74
C PRO B 57 15.02 8.98 -1.81
N ALA B 58 13.71 9.19 -2.01
CA ALA B 58 13.08 10.53 -1.97
C ALA B 58 13.41 11.27 -0.68
N VAL B 59 13.14 10.63 0.43
CA VAL B 59 13.38 11.20 1.73
C VAL B 59 14.86 11.40 2.04
N ARG B 60 15.69 10.41 1.74
CA ARG B 60 17.11 10.56 1.99
C ARG B 60 17.78 11.59 1.07
N MET B 61 17.34 11.66 -0.17
CA MET B 61 17.86 12.70 -1.07
C MET B 61 17.57 14.09 -0.53
N ILE B 62 16.37 14.29 0.02
CA ILE B 62 15.99 15.60 0.56
C ILE B 62 16.77 15.88 1.85
N GLU B 63 16.83 14.92 2.76
CA GLU B 63 17.52 15.18 4.02
C GLU B 63 19.01 15.41 3.80
N GLN B 64 19.61 14.70 2.84
CA GLN B 64 21.04 14.88 2.49
C GLN B 64 21.32 16.23 1.84
N ALA B 65 20.43 16.64 0.94
CA ALA B 65 20.45 17.98 0.40
C ALA B 65 20.38 19.01 1.56
N GLU B 66 19.53 18.76 2.57
CA GLU B 66 19.44 19.66 3.74
C GLU B 66 20.72 19.72 4.57
N ALA B 67 21.28 18.55 4.88
CA ALA B 67 22.51 18.47 5.66
C ALA B 67 23.67 19.10 4.89
N ASP B 68 23.65 19.00 3.57
CA ASP B 68 24.69 19.63 2.74
C ASP B 68 24.54 21.16 2.57
N GLY B 69 23.49 21.77 3.11
CA GLY B 69 23.26 23.23 2.99
C GLY B 69 22.75 23.62 1.62
N LEU B 70 22.18 22.66 0.88
CA LEU B 70 21.73 22.93 -0.51
C LEU B 70 20.31 23.44 -0.62
N LEU B 71 19.54 23.33 0.46
CA LEU B 71 18.13 23.70 0.48
C LEU B 71 17.96 24.81 1.48
N ARG B 72 16.91 25.59 1.31
CA ARG B 72 16.58 26.62 2.26
C ARG B 72 15.06 26.64 2.40
N PRO B 73 14.55 27.28 3.45
CA PRO B 73 13.08 27.23 3.67
C PRO B 73 12.30 27.70 2.45
N GLY B 74 11.22 27.01 2.10
CA GLY B 74 10.45 27.33 0.89
C GLY B 74 11.10 27.04 -0.45
N ALA B 75 12.28 26.40 -0.46
CA ALA B 75 12.92 26.05 -1.74
C ALA B 75 12.02 25.23 -2.60
N THR B 76 12.29 25.26 -3.90
CA THR B 76 11.62 24.42 -4.85
C THR B 76 12.56 23.36 -5.36
N ILE B 77 12.11 22.11 -5.24
CA ILE B 77 12.82 20.96 -5.78
C ILE B 77 12.44 20.76 -7.23
N LEU B 78 13.41 20.55 -8.12
CA LEU B 78 13.12 20.25 -9.52
C LEU B 78 13.63 18.86 -9.83
N GLU B 79 12.76 17.97 -10.33
CA GLU B 79 13.22 16.61 -10.68
C GLU B 79 12.69 16.13 -12.04
N PRO B 80 13.58 15.61 -12.90
CA PRO B 80 13.19 15.03 -14.20
C PRO B 80 12.64 13.59 -14.05
N THR B 81 11.44 13.51 -13.52
CA THR B 81 10.79 12.24 -13.30
C THR B 81 9.29 12.37 -13.42
N SER B 82 8.66 11.24 -13.65
CA SER B 82 7.24 11.07 -13.45
C SER B 82 7.14 9.97 -12.36
N GLY B 83 5.97 9.36 -12.24
CA GLY B 83 5.86 8.12 -11.50
C GLY B 83 6.11 8.20 -9.98
N ASN B 84 6.64 7.11 -9.46
CA ASN B 84 6.74 6.89 -8.01
C ASN B 84 7.62 7.91 -7.29
N THR B 85 8.75 8.22 -7.92
CA THR B 85 9.67 9.18 -7.33
C THR B 85 9.03 10.56 -7.21
N GLY B 86 8.27 10.95 -8.22
CA GLY B 86 7.54 12.21 -8.17
C GLY B 86 6.50 12.26 -7.09
N ILE B 87 5.78 11.16 -6.91
CA ILE B 87 4.83 11.04 -5.80
C ILE B 87 5.58 11.15 -4.47
N SER B 88 6.62 10.33 -4.33
CA SER B 88 7.39 10.28 -3.09
C SER B 88 7.98 11.64 -2.72
N LEU B 89 8.59 12.30 -3.71
CA LEU B 89 9.12 13.65 -3.46
C LEU B 89 8.01 14.66 -3.13
N ALA B 90 6.82 14.49 -3.71
CA ALA B 90 5.72 15.45 -3.50
C ALA B 90 5.25 15.38 -2.07
N MET B 91 5.03 14.17 -1.60
CA MET B 91 4.70 13.97 -0.20
C MET B 91 5.77 14.56 0.71
N ALA B 92 7.03 14.20 0.46
CA ALA B 92 8.11 14.62 1.35
C ALA B 92 8.36 16.12 1.34
N ALA B 93 8.36 16.70 0.15
CA ALA B 93 8.48 18.14 -0.04
C ALA B 93 7.38 18.91 0.67
N ARG B 94 6.14 18.42 0.56
CA ARG B 94 5.01 19.05 1.21
C ARG B 94 5.19 19.02 2.71
N LEU B 95 5.60 17.89 3.25
CA LEU B 95 5.76 17.81 4.70
C LEU B 95 6.94 18.62 5.23
N LYS B 96 7.93 18.99 4.41
CA LYS B 96 9.08 19.77 4.89
C LYS B 96 9.07 21.25 4.43
N GLY B 97 7.95 21.70 3.88
CA GLY B 97 7.79 23.10 3.49
C GLY B 97 8.39 23.45 2.14
N TYR B 98 8.68 22.46 1.31
CA TYR B 98 9.24 22.73 -0.01
C TYR B 98 8.19 22.57 -1.07
N ARG B 99 8.47 23.10 -2.25
CA ARG B 99 7.64 22.96 -3.42
C ARG B 99 8.30 21.95 -4.33
N LEU B 100 7.52 21.35 -5.24
CA LEU B 100 8.08 20.39 -6.15
C LEU B 100 7.63 20.67 -7.55
N ILE B 101 8.57 20.70 -8.48
CA ILE B 101 8.28 20.71 -9.88
C ILE B 101 8.90 19.48 -10.53
N CYS B 102 8.07 18.66 -11.19
CA CYS B 102 8.55 17.52 -11.99
C CYS B 102 8.61 17.94 -13.45
N VAL B 103 9.69 17.59 -14.12
CA VAL B 103 9.81 17.78 -15.57
C VAL B 103 9.71 16.42 -16.24
N MET B 104 8.91 16.32 -17.29
CA MET B 104 8.76 15.05 -18.02
C MET B 104 8.34 15.26 -19.47
N PRO B 105 8.72 14.34 -20.36
CA PRO B 105 8.33 14.43 -21.76
C PRO B 105 6.84 14.59 -21.89
N GLU B 106 6.39 15.46 -22.81
CA GLU B 106 4.96 15.73 -23.03
C GLU B 106 4.16 14.49 -23.38
N ASN B 107 4.81 13.49 -23.98
CA ASN B 107 4.15 12.21 -24.33
C ASN B 107 4.19 11.15 -23.20
N THR B 108 4.51 11.56 -21.97
CA THR B 108 4.57 10.63 -20.84
C THR B 108 3.19 10.08 -20.51
N SER B 109 3.12 8.78 -20.28
CA SER B 109 1.87 8.10 -19.97
C SER B 109 1.11 8.73 -18.79
N VAL B 110 -0.20 8.91 -18.95
CA VAL B 110 -1.06 9.58 -17.96
C VAL B 110 -1.05 8.86 -16.58
N GLU B 111 -0.96 7.52 -16.60
CA GLU B 111 -0.87 6.73 -15.35
C GLU B 111 0.39 7.07 -14.53
N ARG B 112 1.42 7.59 -15.18
CA ARG B 112 2.63 8.04 -14.50
C ARG B 112 2.53 9.48 -14.01
N ARG B 113 1.38 10.11 -14.28
CA ARG B 113 1.08 11.48 -13.88
C ARG B 113 0.01 11.63 -12.81
N GLN B 114 -0.99 10.75 -12.80
CA GLN B 114 -2.31 11.04 -12.15
C GLN B 114 -2.27 11.79 -10.80
N LEU B 115 -1.61 11.19 -9.81
CA LEU B 115 -1.63 11.67 -8.43
C LEU B 115 -0.74 12.89 -8.17
N LEU B 116 0.10 13.28 -9.10
CA LEU B 116 1.09 14.33 -8.83
C LEU B 116 0.51 15.65 -8.34
N GLU B 117 -0.50 16.18 -9.02
CA GLU B 117 -1.08 17.46 -8.66
C GLU B 117 -1.84 17.30 -7.33
N LEU B 118 -2.40 16.11 -7.11
CA LEU B 118 -3.09 15.80 -5.85
C LEU B 118 -2.17 15.94 -4.63
N TYR B 119 -0.89 15.54 -4.76
CA TYR B 119 0.06 15.64 -3.66
C TYR B 119 0.75 16.99 -3.62
N GLY B 120 0.43 17.90 -4.56
CA GLY B 120 0.89 19.29 -4.54
C GLY B 120 1.89 19.67 -5.63
N ALA B 121 2.30 18.73 -6.48
CA ALA B 121 3.40 19.02 -7.40
C ALA B 121 2.96 19.83 -8.61
N GLN B 122 3.91 20.48 -9.25
CA GLN B 122 3.68 21.12 -10.52
C GLN B 122 4.49 20.41 -11.60
N ILE B 123 3.96 20.42 -12.81
CA ILE B 123 4.56 19.69 -13.93
C ILE B 123 5.03 20.60 -15.06
N ILE B 124 6.25 20.36 -15.54
CA ILE B 124 6.77 20.95 -16.77
C ILE B 124 6.80 19.82 -17.77
N PHE B 125 6.34 20.08 -18.98
CA PHE B 125 6.32 19.08 -20.02
C PHE B 125 7.40 19.49 -21.03
N SER B 126 8.37 18.61 -21.25
CA SER B 126 9.45 18.86 -22.22
C SER B 126 9.18 18.12 -23.54
N ALA B 127 9.92 18.48 -24.59
CA ALA B 127 9.64 18.00 -25.94
C ALA B 127 9.69 16.48 -26.03
N ALA B 128 8.62 15.88 -26.58
CA ALA B 128 8.49 14.41 -26.69
C ALA B 128 9.64 13.75 -27.45
N GLU B 129 10.04 14.33 -28.59
CA GLU B 129 11.14 13.81 -29.40
C GLU B 129 12.52 13.89 -28.70
N GLY B 130 12.67 14.80 -27.74
CA GLY B 130 13.90 14.91 -26.97
C GLY B 130 14.06 13.83 -25.92
N GLY B 131 12.94 13.27 -25.46
CA GLY B 131 12.94 12.15 -24.54
C GLY B 131 13.56 12.45 -23.18
N SER B 132 14.18 11.41 -22.60
CA SER B 132 14.79 11.48 -21.28
C SER B 132 15.84 12.58 -21.25
N ASN B 133 16.75 12.48 -22.21
CA ASN B 133 17.90 13.37 -22.33
C ASN B 133 17.46 14.82 -22.17
N THR B 134 16.36 15.20 -22.84
CA THR B 134 15.90 16.61 -22.82
C THR B 134 15.18 16.96 -21.51
N ALA B 135 14.43 16.02 -20.97
CA ALA B 135 13.76 16.29 -19.68
C ALA B 135 14.81 16.59 -18.57
N VAL B 136 15.92 15.85 -18.59
CA VAL B 136 16.97 16.02 -17.59
C VAL B 136 17.67 17.33 -17.81
N ALA B 137 18.13 17.58 -19.04
CA ALA B 137 18.77 18.84 -19.37
C ALA B 137 17.86 20.06 -19.04
N THR B 138 16.55 19.96 -19.32
CA THR B 138 15.57 21.05 -18.92
C THR B 138 15.47 21.32 -17.41
N ALA B 139 15.41 20.26 -16.62
CA ALA B 139 15.38 20.42 -15.18
C ALA B 139 16.73 21.05 -14.71
N LYS B 140 17.82 20.65 -15.36
CA LYS B 140 19.15 21.15 -15.00
C LYS B 140 19.24 22.65 -15.25
N GLU B 141 18.84 23.06 -16.45
CA GLU B 141 18.70 24.47 -16.80
C GLU B 141 17.76 25.25 -15.87
N LEU B 142 16.55 24.75 -15.67
CA LEU B 142 15.56 25.43 -14.83
C LEU B 142 16.13 25.63 -13.42
N ALA B 143 16.86 24.66 -12.91
CA ALA B 143 17.39 24.76 -11.54
C ALA B 143 18.36 25.95 -11.42
N ALA B 144 19.08 26.23 -12.49
CA ALA B 144 20.03 27.37 -12.52
C ALA B 144 19.39 28.75 -12.62
N THR B 145 18.07 28.82 -12.73
CA THR B 145 17.42 30.12 -12.77
C THR B 145 17.27 30.79 -11.41
N ASN B 146 17.38 30.04 -10.32
CA ASN B 146 17.06 30.53 -8.99
C ASN B 146 17.93 29.84 -7.94
N PRO B 147 18.48 30.60 -7.00
CA PRO B 147 19.17 29.92 -5.89
C PRO B 147 18.22 29.01 -5.07
N SER B 148 16.94 29.35 -5.09
CA SER B 148 15.84 28.60 -4.44
C SER B 148 15.45 27.28 -5.10
N TRP B 149 15.95 27.05 -6.30
CA TRP B 149 15.53 25.93 -7.10
C TRP B 149 16.69 24.94 -7.10
N VAL B 150 16.40 23.67 -6.78
CA VAL B 150 17.41 22.63 -6.62
C VAL B 150 16.94 21.34 -7.29
N MET B 151 17.86 20.72 -8.06
CA MET B 151 17.62 19.45 -8.74
C MET B 151 18.38 18.37 -8.01
N LEU B 152 17.65 17.36 -7.52
CA LEU B 152 18.24 16.26 -6.77
C LEU B 152 18.89 15.23 -7.71
N TYR B 153 18.23 14.91 -8.81
CA TYR B 153 18.74 14.03 -9.87
C TYR B 153 19.01 12.65 -9.32
N GLN B 154 17.92 11.89 -9.17
CA GLN B 154 17.97 10.52 -8.65
C GLN B 154 18.89 9.55 -9.41
N TYR B 155 19.08 9.79 -10.71
CA TYR B 155 19.99 8.98 -11.53
C TYR B 155 21.51 9.11 -11.23
N GLY B 156 21.88 10.17 -10.54
CA GLY B 156 23.26 10.37 -10.12
C GLY B 156 23.49 10.70 -8.68
N ASN B 157 22.42 10.77 -7.86
CA ASN B 157 22.55 11.20 -6.47
C ASN B 157 22.90 10.01 -5.60
N PRO B 158 24.11 10.00 -4.96
CA PRO B 158 24.45 8.83 -4.15
C PRO B 158 23.51 8.61 -2.94
N ALA B 159 22.75 9.62 -2.53
CA ALA B 159 21.81 9.44 -1.45
C ALA B 159 20.71 8.42 -1.85
N ASN B 160 20.43 8.28 -3.14
CA ASN B 160 19.50 7.22 -3.62
C ASN B 160 20.07 5.84 -3.23
N THR B 161 21.26 5.54 -3.74
CA THR B 161 22.00 4.34 -3.40
C THR B 161 22.20 4.15 -1.89
N ASP B 162 22.46 5.23 -1.17
CA ASP B 162 22.69 5.18 0.28
C ASP B 162 21.44 4.71 1.01
N SER B 163 20.26 5.13 0.56
CA SER B 163 19.00 4.72 1.24
C SER B 163 18.88 3.20 1.33
N HIS B 164 19.41 2.53 0.31
CA HIS B 164 19.39 1.08 0.23
C HIS B 164 20.56 0.43 0.94
N TYR B 165 21.71 1.08 0.89
CA TYR B 165 22.91 0.61 1.58
C TYR B 165 22.70 0.67 3.08
N CYS B 166 21.95 1.66 3.52
CA CYS B 166 21.69 1.91 4.93
C CYS B 166 20.35 1.35 5.39
N GLY B 167 19.43 1.09 4.46
CA GLY B 167 18.08 0.66 4.78
C GLY B 167 17.77 -0.75 4.27
N THR B 168 17.49 -0.86 2.97
CA THR B 168 17.07 -2.13 2.38
C THR B 168 18.03 -3.30 2.66
N GLY B 169 19.32 -3.04 2.47
CA GLY B 169 20.34 -4.06 2.73
C GLY B 169 20.42 -4.59 4.16
N PRO B 170 20.74 -3.73 5.13
CA PRO B 170 20.76 -4.15 6.53
C PRO B 170 19.47 -4.88 6.96
N GLU B 171 18.31 -4.44 6.52
CA GLU B 171 17.05 -5.14 6.89
C GLU B 171 17.02 -6.54 6.30
N LEU B 172 17.51 -6.71 5.07
CA LEU B 172 17.57 -8.06 4.48
C LEU B 172 18.57 -9.01 5.16
N LEU B 173 19.72 -8.48 5.50
CA LEU B 173 20.70 -9.22 6.30
C LEU B 173 20.06 -9.68 7.60
N ALA B 174 19.42 -8.77 8.29
CA ALA B 174 18.80 -9.11 9.60
C ALA B 174 17.67 -10.14 9.50
N ASP B 175 16.86 -10.07 8.45
CA ASP B 175 15.70 -10.94 8.30
C ASP B 175 16.06 -12.28 7.60
N LEU B 176 17.11 -12.27 6.80
CA LEU B 176 17.45 -13.43 5.96
C LEU B 176 18.98 -13.62 5.89
N PRO B 177 19.60 -13.96 7.04
CA PRO B 177 21.06 -14.12 7.00
C PRO B 177 21.52 -15.22 6.05
N GLU B 178 20.63 -16.17 5.79
CA GLU B 178 20.91 -17.26 4.85
C GLU B 178 20.70 -16.88 3.37
N ILE B 179 20.51 -15.59 3.06
CA ILE B 179 20.31 -15.13 1.68
C ILE B 179 21.39 -15.60 0.70
N THR B 180 20.94 -16.16 -0.44
CA THR B 180 21.81 -16.59 -1.53
C THR B 180 21.67 -15.66 -2.73
N HIS B 181 20.50 -15.04 -2.89
CA HIS B 181 20.25 -14.19 -4.01
C HIS B 181 19.38 -12.99 -3.64
N PHE B 182 19.68 -11.86 -4.26
CA PHE B 182 18.81 -10.68 -4.23
C PHE B 182 18.45 -10.27 -5.64
N VAL B 183 17.15 -10.20 -5.92
CA VAL B 183 16.62 -9.84 -7.22
C VAL B 183 15.73 -8.61 -7.12
N ALA B 184 15.90 -7.68 -8.05
CA ALA B 184 15.14 -6.45 -8.07
C ALA B 184 15.17 -5.85 -9.47
N GLY B 185 14.32 -4.86 -9.68
CA GLY B 185 14.27 -4.14 -10.95
C GLY B 185 15.43 -3.16 -11.09
N LEU B 186 15.79 -2.85 -12.31
CA LEU B 186 16.95 -2.01 -12.63
C LEU B 186 16.43 -0.77 -13.30
N GLY B 187 16.28 0.31 -12.54
CA GLY B 187 15.70 1.55 -13.06
C GLY B 187 16.70 2.66 -12.90
N THR B 188 16.56 3.47 -11.87
CA THR B 188 17.65 4.33 -11.41
C THR B 188 18.90 3.53 -11.02
N THR B 189 18.72 2.24 -10.73
CA THR B 189 19.76 1.33 -10.26
C THR B 189 20.09 1.50 -8.78
N GLY B 190 19.44 2.45 -8.12
CA GLY B 190 19.68 2.67 -6.69
C GLY B 190 19.50 1.43 -5.84
N THR B 191 18.41 0.69 -6.09
CA THR B 191 18.08 -0.50 -5.27
C THR B 191 19.13 -1.59 -5.37
N LEU B 192 19.50 -1.95 -6.60
CA LEU B 192 20.53 -2.96 -6.84
C LEU B 192 21.95 -2.47 -6.48
N MET B 193 22.29 -1.21 -6.77
CA MET B 193 23.64 -0.73 -6.44
C MET B 193 23.85 -0.63 -4.92
N GLY B 194 22.87 -0.08 -4.23
CA GLY B 194 23.00 0.12 -2.79
C GLY B 194 22.84 -1.15 -1.97
N THR B 195 21.73 -1.86 -2.21
CA THR B 195 21.49 -3.11 -1.52
C THR B 195 22.57 -4.16 -1.87
N GLY B 196 22.93 -4.18 -3.15
CA GLY B 196 23.93 -5.10 -3.70
C GLY B 196 25.31 -4.87 -3.09
N ARG B 197 25.71 -3.61 -3.03
CA ARG B 197 27.01 -3.31 -2.44
C ARG B 197 26.98 -3.69 -0.96
N PHE B 198 25.88 -3.44 -0.27
CA PHE B 198 25.82 -3.83 1.14
C PHE B 198 25.88 -5.36 1.35
N LEU B 199 25.06 -6.10 0.61
CA LEU B 199 25.04 -7.54 0.73
C LEU B 199 26.38 -8.19 0.34
N ARG B 200 27.00 -7.69 -0.73
N ARG B 200 27.00 -7.70 -0.73
CA ARG B 200 28.26 -8.24 -1.19
CA ARG B 200 28.26 -8.26 -1.19
C ARG B 200 29.39 -8.08 -0.19
C ARG B 200 29.39 -8.08 -0.18
N GLU B 201 29.34 -6.99 0.58
CA GLU B 201 30.31 -6.76 1.63
C GLU B 201 30.07 -7.66 2.82
N HIS B 202 28.85 -8.14 2.99
CA HIS B 202 28.49 -8.75 4.27
C HIS B 202 28.11 -10.22 4.15
N VAL B 203 27.71 -10.67 2.97
CA VAL B 203 27.25 -12.04 2.83
C VAL B 203 28.20 -12.73 1.85
N ALA B 204 28.78 -13.83 2.33
CA ALA B 204 29.62 -14.66 1.50
C ALA B 204 28.83 -15.23 0.31
N ASN B 205 29.36 -15.07 -0.89
CA ASN B 205 28.90 -15.78 -2.08
C ASN B 205 27.55 -15.28 -2.63
N VAL B 206 27.03 -14.18 -2.09
CA VAL B 206 25.72 -13.71 -2.51
C VAL B 206 25.70 -13.26 -3.98
N LYS B 207 24.61 -13.62 -4.66
CA LYS B 207 24.38 -13.16 -6.02
C LYS B 207 23.33 -12.02 -6.09
N ILE B 208 23.59 -11.06 -6.95
CA ILE B 208 22.77 -9.88 -7.14
C ILE B 208 22.30 -9.90 -8.58
N VAL B 209 20.99 -9.98 -8.74
CA VAL B 209 20.37 -10.21 -10.05
C VAL B 209 19.35 -9.10 -10.38
N ALA B 210 19.57 -8.50 -11.55
CA ALA B 210 18.66 -7.53 -12.12
C ALA B 210 17.56 -8.16 -12.99
N ALA B 211 16.35 -7.61 -12.92
CA ALA B 211 15.33 -7.74 -13.97
C ALA B 211 15.11 -6.38 -14.67
N GLU B 212 14.81 -6.41 -15.96
CA GLU B 212 14.55 -5.20 -16.72
C GLU B 212 13.69 -5.46 -17.92
N PRO B 213 13.16 -4.38 -18.51
CA PRO B 213 12.32 -4.62 -19.66
C PRO B 213 13.16 -5.12 -20.83
N ARG B 214 12.51 -5.75 -21.82
CA ARG B 214 13.18 -6.10 -23.06
C ARG B 214 13.38 -4.87 -23.88
N TYR B 215 14.54 -4.83 -24.53
CA TYR B 215 14.80 -3.79 -25.51
C TYR B 215 13.81 -4.01 -26.65
N GLY B 216 13.23 -2.90 -27.09
CA GLY B 216 12.22 -2.94 -28.12
C GLY B 216 10.80 -2.95 -27.63
N GLU B 217 10.58 -3.27 -26.35
CA GLU B 217 9.23 -3.15 -25.80
C GLU B 217 9.17 -1.84 -25.02
N GLY B 218 8.15 -1.04 -25.32
CA GLY B 218 7.93 0.25 -24.64
C GLY B 218 7.51 0.13 -23.18
N VAL B 219 6.51 -0.71 -22.92
CA VAL B 219 5.88 -0.84 -21.57
C VAL B 219 5.81 0.52 -20.84
N TYR B 220 5.30 1.52 -21.59
CA TYR B 220 5.49 2.94 -21.25
C TYR B 220 5.00 3.30 -19.87
N ALA B 221 3.87 2.74 -19.45
CA ALA B 221 3.32 3.06 -18.15
C ALA B 221 4.23 2.65 -16.95
N LEU B 222 5.22 1.79 -17.21
CA LEU B 222 6.16 1.32 -16.20
C LEU B 222 7.59 1.87 -16.33
N ARG B 223 7.87 2.60 -17.42
CA ARG B 223 9.22 3.14 -17.67
C ARG B 223 9.37 4.66 -17.51
N ASN B 224 10.36 5.04 -16.72
CA ASN B 224 10.72 6.45 -16.49
C ASN B 224 11.67 7.02 -17.58
N MET B 225 12.45 6.15 -18.24
CA MET B 225 13.55 6.61 -19.11
C MET B 225 13.71 5.79 -20.37
N ASP B 226 14.32 6.39 -21.37
CA ASP B 226 14.54 5.73 -22.65
C ASP B 226 15.53 4.57 -22.56
N GLU B 227 15.36 3.61 -23.45
CA GLU B 227 16.18 2.39 -23.48
C GLU B 227 17.68 2.59 -23.39
N GLY B 228 18.20 3.57 -24.10
CA GLY B 228 19.64 3.76 -24.13
C GLY B 228 20.28 4.36 -22.89
N PHE B 229 19.49 5.10 -22.12
CA PHE B 229 20.04 5.90 -21.03
C PHE B 229 20.66 5.02 -19.95
N VAL B 230 21.85 5.39 -19.49
CA VAL B 230 22.52 4.68 -18.40
C VAL B 230 22.77 5.62 -17.23
N PRO B 231 22.08 5.36 -16.11
CA PRO B 231 22.22 6.16 -14.91
C PRO B 231 23.66 6.23 -14.42
N GLU B 232 24.07 7.39 -13.94
CA GLU B 232 25.45 7.52 -13.42
C GLU B 232 25.64 6.72 -12.13
N LEU B 233 24.55 6.31 -11.46
CA LEU B 233 24.68 5.46 -10.28
C LEU B 233 25.11 4.04 -10.61
N TYR B 234 24.93 3.65 -11.87
CA TYR B 234 25.10 2.25 -12.25
C TYR B 234 26.58 1.85 -12.20
N ASP B 235 26.83 0.65 -11.73
CA ASP B 235 28.16 0.08 -11.64
C ASP B 235 28.02 -1.37 -12.10
N PRO B 236 28.45 -1.67 -13.33
CA PRO B 236 28.18 -3.00 -13.89
C PRO B 236 28.90 -4.13 -13.14
N GLU B 237 29.89 -3.80 -12.33
CA GLU B 237 30.54 -4.82 -11.47
C GLU B 237 29.72 -5.27 -10.26
N ILE B 238 28.71 -4.52 -9.84
CA ILE B 238 27.90 -4.97 -8.68
C ILE B 238 26.97 -6.15 -9.04
N LEU B 239 26.52 -6.25 -10.29
CA LEU B 239 25.57 -7.29 -10.65
C LEU B 239 26.23 -8.63 -10.95
N THR B 240 25.56 -9.71 -10.60
CA THR B 240 25.99 -11.06 -10.99
C THR B 240 25.38 -11.40 -12.34
N ALA B 241 24.10 -11.07 -12.53
CA ALA B 241 23.47 -11.18 -13.84
C ALA B 241 22.33 -10.18 -13.97
N ARG B 242 22.01 -9.82 -15.22
CA ARG B 242 20.84 -9.01 -15.54
C ARG B 242 20.05 -9.72 -16.60
N TYR B 243 18.74 -9.86 -16.35
CA TYR B 243 17.80 -10.53 -17.23
C TYR B 243 16.68 -9.61 -17.74
N SER B 244 16.50 -9.60 -19.05
CA SER B 244 15.38 -8.97 -19.76
C SER B 244 14.10 -9.81 -19.67
N VAL B 245 12.99 -9.18 -19.30
CA VAL B 245 11.73 -9.86 -19.15
C VAL B 245 10.69 -9.30 -20.07
N GLY B 246 10.08 -10.17 -20.86
CA GLY B 246 8.99 -9.78 -21.70
C GLY B 246 7.74 -9.32 -20.98
N ALA B 247 6.98 -8.48 -21.66
CA ALA B 247 5.73 -7.94 -21.12
C ALA B 247 4.73 -9.03 -20.81
N VAL B 248 4.62 -10.05 -21.67
CA VAL B 248 3.65 -11.10 -21.42
C VAL B 248 4.04 -11.87 -20.15
N ASP B 249 5.32 -12.13 -20.01
CA ASP B 249 5.84 -12.86 -18.87
C ASP B 249 5.71 -12.05 -17.57
N ALA B 250 6.06 -10.77 -17.62
CA ALA B 250 5.89 -9.88 -16.47
C ALA B 250 4.44 -9.84 -15.99
N VAL B 251 3.50 -9.72 -16.93
CA VAL B 251 2.08 -9.61 -16.60
C VAL B 251 1.59 -10.93 -16.05
N ARG B 252 1.90 -12.02 -16.75
CA ARG B 252 1.60 -13.36 -16.25
C ARG B 252 2.07 -13.57 -14.80
N ARG B 253 3.33 -13.25 -14.50
CA ARG B 253 3.85 -13.43 -13.15
C ARG B 253 3.12 -12.52 -12.15
N THR B 254 2.81 -11.30 -12.55
CA THR B 254 2.10 -10.36 -11.67
C THR B 254 0.75 -10.97 -11.28
N ARG B 255 0.02 -11.51 -12.27
CA ARG B 255 -1.29 -12.13 -11.99
C ARG B 255 -1.12 -13.37 -11.14
N GLU B 256 -0.07 -14.16 -11.43
CA GLU B 256 0.26 -15.35 -10.63
C GLU B 256 0.52 -15.02 -9.14
N LEU B 257 1.29 -13.97 -8.88
CA LEU B 257 1.62 -13.59 -7.47
C LEU B 257 0.38 -13.27 -6.66
N VAL B 258 -0.52 -12.52 -7.24
CA VAL B 258 -1.73 -12.17 -6.50
C VAL B 258 -2.65 -13.39 -6.39
N HIS B 259 -2.79 -14.13 -7.48
CA HIS B 259 -3.67 -15.29 -7.50
C HIS B 259 -3.19 -16.38 -6.50
N THR B 260 -1.88 -16.55 -6.35
CA THR B 260 -1.30 -17.64 -5.58
C THR B 260 -0.84 -17.26 -4.18
N GLU B 261 -0.28 -16.07 -4.02
CA GLU B 261 0.24 -15.64 -2.71
C GLU B 261 -0.52 -14.45 -2.07
N GLY B 262 -1.49 -13.85 -2.77
CA GLY B 262 -2.31 -12.79 -2.21
C GLY B 262 -1.66 -11.44 -2.18
N ILE B 263 -0.58 -11.32 -2.91
CA ILE B 263 0.22 -10.11 -2.93
C ILE B 263 -0.05 -9.42 -4.25
N PHE B 264 -0.69 -8.25 -4.16
CA PHE B 264 -1.13 -7.47 -5.32
C PHE B 264 -0.07 -6.42 -5.66
N ALA B 265 0.76 -6.72 -6.65
CA ALA B 265 1.94 -5.89 -6.96
C ALA B 265 1.84 -5.25 -8.31
N GLY B 266 2.66 -4.22 -8.48
CA GLY B 266 2.87 -3.61 -9.75
C GLY B 266 3.56 -4.51 -10.75
N ILE B 267 3.63 -4.06 -11.98
CA ILE B 267 4.11 -4.94 -13.04
C ILE B 267 5.59 -5.24 -12.96
N SER B 268 6.37 -4.31 -12.43
CA SER B 268 7.81 -4.56 -12.34
C SER B 268 8.11 -5.72 -11.40
N THR B 269 7.29 -5.86 -10.36
CA THR B 269 7.36 -6.99 -9.49
C THR B 269 7.15 -8.30 -10.28
N GLY B 270 6.27 -8.29 -11.28
CA GLY B 270 6.08 -9.44 -12.16
C GLY B 270 7.37 -9.83 -12.88
N ALA B 271 8.08 -8.81 -13.35
CA ALA B 271 9.32 -9.03 -14.03
C ALA B 271 10.39 -9.59 -13.09
N VAL B 272 10.50 -8.98 -11.91
CA VAL B 272 11.38 -9.48 -10.83
C VAL B 272 11.11 -10.93 -10.49
N LEU B 273 9.83 -11.26 -10.31
CA LEU B 273 9.45 -12.63 -9.98
C LEU B 273 9.81 -13.63 -11.10
N HIS B 274 9.62 -13.22 -12.34
CA HIS B 274 10.04 -14.02 -13.52
C HIS B 274 11.54 -14.35 -13.44
N ALA B 275 12.34 -13.34 -13.20
CA ALA B 275 13.79 -13.51 -12.98
C ALA B 275 14.10 -14.45 -11.80
N ALA B 276 13.40 -14.23 -10.69
CA ALA B 276 13.64 -15.00 -9.46
C ALA B 276 13.27 -16.45 -9.60
N LEU B 277 12.26 -16.71 -10.42
CA LEU B 277 11.83 -18.08 -10.70
C LEU B 277 12.80 -18.81 -11.61
N GLY B 278 13.39 -18.10 -12.54
CA GLY B 278 14.43 -18.68 -13.43
C GLY B 278 15.67 -19.00 -12.60
N VAL B 279 16.11 -18.02 -11.80
CA VAL B 279 17.16 -18.24 -10.83
C VAL B 279 16.83 -19.46 -9.96
N GLY B 280 15.59 -19.55 -9.52
CA GLY B 280 15.15 -20.62 -8.62
C GLY B 280 15.13 -21.99 -9.28
N ALA B 281 14.64 -22.05 -10.52
CA ALA B 281 14.61 -23.30 -11.29
C ALA B 281 16.04 -23.82 -11.48
N GLY B 282 16.97 -22.92 -11.76
CA GLY B 282 18.40 -23.27 -11.82
C GLY B 282 18.98 -23.94 -10.58
N ALA B 283 18.71 -23.37 -9.40
CA ALA B 283 19.20 -23.95 -8.15
C ALA B 283 18.59 -25.35 -7.93
N LEU B 284 17.31 -25.48 -8.24
CA LEU B 284 16.59 -26.73 -8.11
C LEU B 284 17.21 -27.82 -9.00
N ALA B 285 17.48 -27.50 -10.27
CA ALA B 285 18.11 -28.45 -11.19
C ALA B 285 19.58 -28.68 -10.80
N ALA B 286 20.18 -27.75 -10.09
CA ALA B 286 21.55 -27.92 -9.60
C ALA B 286 21.65 -28.70 -8.27
N GLY B 287 20.53 -28.99 -7.63
CA GLY B 287 20.55 -29.60 -6.31
C GLY B 287 21.10 -28.69 -5.24
N GLU B 288 20.98 -27.38 -5.45
CA GLU B 288 21.52 -26.42 -4.53
C GLU B 288 20.44 -25.68 -3.71
N ARG B 289 20.76 -25.39 -2.45
CA ARG B 289 19.89 -24.55 -1.61
C ARG B 289 19.85 -23.12 -2.13
N ALA B 290 18.66 -22.52 -2.10
CA ALA B 290 18.57 -21.13 -2.37
C ALA B 290 17.54 -20.47 -1.46
N ASP B 291 17.84 -19.26 -1.07
CA ASP B 291 16.91 -18.34 -0.40
C ASP B 291 17.02 -17.02 -1.11
N ILE B 292 16.03 -16.77 -1.96
CA ILE B 292 16.07 -15.71 -2.94
C ILE B 292 15.11 -14.64 -2.45
N ALA B 293 15.68 -13.50 -2.04
CA ALA B 293 14.87 -12.35 -1.67
C ALA B 293 14.61 -11.50 -2.89
N LEU B 294 13.36 -11.11 -3.09
CA LEU B 294 13.01 -10.28 -4.24
C LEU B 294 12.16 -9.10 -3.83
N VAL B 295 12.24 -8.02 -4.59
CA VAL B 295 11.61 -6.75 -4.23
C VAL B 295 10.25 -6.55 -4.88
N VAL B 296 9.25 -6.34 -4.05
CA VAL B 296 7.94 -5.85 -4.50
C VAL B 296 7.96 -4.32 -4.42
N ALA B 297 8.28 -3.66 -5.53
CA ALA B 297 8.53 -2.19 -5.55
C ALA B 297 7.30 -1.38 -5.27
N ASP B 298 6.15 -1.83 -5.74
CA ASP B 298 4.86 -1.17 -5.43
C ASP B 298 3.66 -2.07 -5.67
N ALA B 299 2.46 -1.55 -5.39
CA ALA B 299 1.27 -2.38 -5.46
C ALA B 299 0.64 -2.22 -6.82
N GLY B 300 -0.28 -3.14 -7.12
CA GLY B 300 -0.96 -3.14 -8.39
C GLY B 300 -1.98 -2.03 -8.62
N TRP B 301 -2.42 -1.37 -7.55
CA TRP B 301 -3.49 -0.33 -7.63
C TRP B 301 -3.38 0.64 -8.79
N LYS B 302 -2.27 1.36 -8.84
CA LYS B 302 -2.11 2.42 -9.85
C LYS B 302 -2.02 1.89 -11.29
N TYR B 303 -1.92 0.58 -11.47
CA TYR B 303 -1.79 0.02 -12.81
C TYR B 303 -3.09 -0.61 -13.33
N LEU B 304 -4.15 -0.61 -12.54
CA LEU B 304 -5.40 -1.22 -13.00
C LEU B 304 -5.89 -0.65 -14.35
N SER B 305 -5.91 0.68 -14.48
CA SER B 305 -6.36 1.37 -15.71
C SER B 305 -5.52 1.09 -16.98
N THR B 306 -4.56 0.18 -16.92
CA THR B 306 -3.92 -0.35 -18.11
C THR B 306 -4.72 -1.53 -18.66
N GLY B 307 -5.65 -2.07 -17.86
CA GLY B 307 -6.37 -3.28 -18.24
C GLY B 307 -5.55 -4.55 -18.06
N ALA B 308 -4.29 -4.40 -17.63
CA ALA B 308 -3.33 -5.51 -17.56
C ALA B 308 -3.71 -6.63 -16.61
N TYR B 309 -4.50 -6.33 -15.59
CA TYR B 309 -4.86 -7.33 -14.60
C TYR B 309 -6.16 -8.04 -14.99
N ALA B 310 -6.74 -7.64 -16.12
CA ALA B 310 -8.16 -7.91 -16.41
C ALA B 310 -8.35 -9.02 -17.41
N GLY B 311 -8.23 -8.71 -18.70
CA GLY B 311 -8.69 -9.64 -19.74
C GLY B 311 -7.62 -10.64 -20.12
N SER B 312 -7.34 -10.73 -21.42
CA SER B 312 -6.33 -11.66 -21.89
C SER B 312 -4.91 -11.07 -21.79
N LEU B 313 -3.92 -11.97 -21.82
CA LEU B 313 -2.51 -11.57 -21.79
C LEU B 313 -2.15 -10.79 -23.06
N ASP B 314 -2.79 -11.13 -24.18
CA ASP B 314 -2.54 -10.41 -25.46
C ASP B 314 -2.91 -8.93 -25.39
N ASP B 315 -4.13 -8.67 -24.95
CA ASP B 315 -4.61 -7.29 -24.80
C ASP B 315 -3.81 -6.46 -23.80
N ALA B 316 -3.48 -7.09 -22.67
CA ALA B 316 -2.57 -6.50 -21.70
C ALA B 316 -1.24 -6.09 -22.33
N GLU B 317 -0.72 -6.94 -23.22
CA GLU B 317 0.52 -6.64 -23.93
C GLU B 317 0.35 -5.41 -24.85
N THR B 318 -0.72 -5.41 -25.64
CA THR B 318 -0.99 -4.29 -26.53
C THR B 318 -1.29 -3.00 -25.71
N ALA B 319 -1.97 -3.13 -24.57
CA ALA B 319 -2.22 -1.99 -23.68
C ALA B 319 -0.92 -1.41 -23.14
N LEU B 320 0.02 -2.29 -22.82
CA LEU B 320 1.34 -1.83 -22.41
C LEU B 320 2.13 -1.31 -23.60
#